data_9DGA
#
_entry.id   9DGA
#
_cell.length_a   104.013
_cell.length_b   104.013
_cell.length_c   82.863
_cell.angle_alpha   90.000
_cell.angle_beta   90.000
_cell.angle_gamma   120.000
#
_symmetry.space_group_name_H-M   'P 32 2 1'
#
loop_
_entity.id
_entity.type
_entity.pdbx_description
1 polymer 'Tetrahydroprotoberberine N-methyltransferase'
2 non-polymer S-ADENOSYLMETHIONINE
3 non-polymer (R)-reticuline
4 water water
#
_entity_poly.entity_id   1
_entity_poly.type   'polypeptide(L)'
_entity_poly.pdbx_seq_one_letter_code
;MGSSHHHHHHGTGSYITSLYKKAGWMGSNEAQVKKESIGEIMGKLMQGEIGDEELSKRIKEIFGKRLQWGYKPTHQQQLA
FNLDFIKSLKEMDMSGEIDTMNEETYELPSAFLEAAFGKTIKQSGCYFKDETTTIDEAEEASHELYCERAQIKDGQTVLD
IGCGQGGLVLHIAQKYKNCHVTGLTNSKAQKNYILMQAEKLQLSNVDVILADVTKHESDKTYDRILVIETIEHMKNIQLF
MKKLSTWMTEDSLLFVDHICHKTFSHHFEAIDEDDWYSGFIFPKGCVTILSASALLYFQDDVTILDHWVVNGMHMARSVD
AWRKKLDKNMELAREILLPGLGSKEAVNGVITHIRTFCMGGYEQFSYNNGEEWMVAQMLFKKK
;
_entity_poly.pdbx_strand_id   A
#
loop_
_chem_comp.id
_chem_comp.type
_chem_comp.name
_chem_comp.formula
A1A4H non-polymer (R)-reticuline 'C19 H23 N O4'
SAM non-polymer S-ADENOSYLMETHIONINE 'C15 H22 N6 O5 S'
#
# COMPACT_ATOMS: atom_id res chain seq x y z
N GLU A 36 -11.96 -29.63 8.64
CA GLU A 36 -11.77 -29.21 7.23
C GLU A 36 -10.39 -28.56 7.08
N SER A 37 -9.61 -29.08 6.12
CA SER A 37 -8.21 -28.71 5.95
C SER A 37 -8.09 -27.46 5.08
N ILE A 38 -6.88 -26.87 5.08
CA ILE A 38 -6.53 -25.79 4.16
C ILE A 38 -6.81 -26.23 2.73
N GLY A 39 -6.23 -27.39 2.35
CA GLY A 39 -6.30 -27.90 1.00
C GLY A 39 -7.73 -27.92 0.47
N GLU A 40 -8.67 -28.30 1.33
CA GLU A 40 -10.08 -28.41 0.98
C GLU A 40 -10.70 -27.03 0.77
N ILE A 41 -10.38 -26.07 1.64
CA ILE A 41 -10.93 -24.73 1.48
C ILE A 41 -10.32 -24.13 0.22
N MET A 42 -9.01 -24.29 0.05
CA MET A 42 -8.31 -23.76 -1.11
C MET A 42 -8.83 -24.40 -2.38
N GLY A 43 -9.30 -25.65 -2.27
CA GLY A 43 -9.88 -26.39 -3.39
C GLY A 43 -11.20 -25.76 -3.83
N LYS A 44 -12.12 -25.62 -2.88
CA LYS A 44 -13.40 -24.99 -3.16
C LYS A 44 -13.22 -23.56 -3.66
N LEU A 45 -12.25 -22.84 -3.08
CA LEU A 45 -12.03 -21.44 -3.40
C LEU A 45 -11.69 -21.33 -4.89
N MET A 46 -10.72 -22.14 -5.34
CA MET A 46 -10.21 -22.06 -6.70
C MET A 46 -11.30 -22.43 -7.71
N GLN A 47 -12.26 -23.26 -7.29
CA GLN A 47 -13.33 -23.72 -8.16
C GLN A 47 -14.52 -22.74 -8.17
N GLY A 48 -14.41 -21.67 -7.38
CA GLY A 48 -15.48 -20.68 -7.29
C GLY A 48 -16.72 -21.26 -6.62
N GLU A 49 -16.49 -22.20 -5.70
CA GLU A 49 -17.55 -22.92 -4.99
C GLU A 49 -17.84 -22.30 -3.62
N ILE A 50 -17.06 -21.29 -3.23
CA ILE A 50 -17.37 -20.55 -2.02
C ILE A 50 -18.04 -19.24 -2.43
N GLY A 51 -19.32 -19.09 -2.07
CA GLY A 51 -20.04 -17.86 -2.32
C GLY A 51 -19.44 -16.70 -1.51
N ASP A 52 -19.75 -15.47 -1.94
CA ASP A 52 -19.16 -14.27 -1.38
C ASP A 52 -19.46 -14.16 0.11
N GLU A 53 -20.70 -14.46 0.50
CA GLU A 53 -21.13 -14.32 1.88
C GLU A 53 -20.30 -15.22 2.80
N GLU A 54 -20.08 -16.48 2.38
CA GLU A 54 -19.31 -17.43 3.17
C GLU A 54 -17.85 -17.02 3.20
N LEU A 55 -17.34 -16.57 2.05
CA LEU A 55 -15.95 -16.16 1.91
C LEU A 55 -15.65 -15.02 2.88
N SER A 56 -16.52 -14.01 2.87
CA SER A 56 -16.42 -12.84 3.73
C SER A 56 -16.43 -13.25 5.19
N LYS A 57 -17.35 -14.16 5.54
CA LYS A 57 -17.48 -14.65 6.91
C LYS A 57 -16.21 -15.37 7.33
N ARG A 58 -15.62 -16.19 6.45
CA ARG A 58 -14.43 -16.94 6.83
C ARG A 58 -13.27 -15.97 7.07
N ILE A 59 -13.12 -14.97 6.19
CA ILE A 59 -11.96 -14.10 6.30
C ILE A 59 -12.14 -13.19 7.52
N LYS A 60 -13.38 -12.74 7.76
CA LYS A 60 -13.67 -11.90 8.93
C LYS A 60 -13.25 -12.62 10.22
N GLU A 61 -13.51 -13.92 10.29
N GLU A 61 -13.55 -13.92 10.30
CA GLU A 61 -13.21 -14.73 11.47
CA GLU A 61 -13.22 -14.75 11.45
C GLU A 61 -11.70 -14.84 11.66
C GLU A 61 -11.71 -14.78 11.65
N ILE A 62 -10.95 -14.92 10.54
CA ILE A 62 -9.50 -14.96 10.61
C ILE A 62 -8.97 -13.66 11.21
N PHE A 63 -9.51 -12.51 10.76
CA PHE A 63 -9.08 -11.21 11.28
C PHE A 63 -9.50 -11.04 12.74
N GLY A 64 -10.68 -11.56 13.10
CA GLY A 64 -11.15 -11.54 14.48
C GLY A 64 -10.14 -12.21 15.42
N LYS A 65 -9.57 -13.33 14.99
CA LYS A 65 -8.57 -14.04 15.79
C LYS A 65 -7.29 -13.23 15.90
N ARG A 66 -6.95 -12.48 14.85
CA ARG A 66 -5.78 -11.60 14.94
C ARG A 66 -6.00 -10.52 16.01
N LEU A 67 -7.22 -9.99 16.10
CA LEU A 67 -7.53 -8.98 17.10
C LEU A 67 -7.38 -9.57 18.50
N GLN A 68 -7.76 -10.85 18.66
CA GLN A 68 -7.65 -11.49 19.97
C GLN A 68 -6.18 -11.67 20.34
N TRP A 69 -5.37 -12.00 19.34
CA TRP A 69 -3.94 -12.18 19.50
C TRP A 69 -3.26 -10.86 19.90
N GLY A 70 -3.76 -9.72 19.40
CA GLY A 70 -3.01 -8.48 19.46
C GLY A 70 -3.37 -7.59 20.66
N TYR A 71 -4.63 -7.65 21.10
CA TYR A 71 -5.07 -6.85 22.23
C TYR A 71 -4.69 -7.54 23.53
N LYS A 72 -4.05 -6.79 24.45
CA LYS A 72 -3.64 -7.30 25.74
C LYS A 72 -4.56 -6.74 26.82
N PRO A 73 -4.64 -7.39 28.00
CA PRO A 73 -5.56 -6.96 29.06
C PRO A 73 -5.25 -5.62 29.74
N THR A 74 -3.99 -5.17 29.74
CA THR A 74 -3.60 -3.95 30.42
C THR A 74 -2.70 -3.15 29.49
N HIS A 75 -2.61 -1.82 29.70
CA HIS A 75 -1.74 -1.04 28.84
C HIS A 75 -0.29 -1.45 29.10
N GLN A 76 0.00 -1.87 30.34
CA GLN A 76 1.33 -2.37 30.67
C GLN A 76 1.72 -3.53 29.76
N GLN A 77 0.82 -4.51 29.63
CA GLN A 77 1.08 -5.65 28.77
C GLN A 77 1.04 -5.26 27.29
N GLN A 78 0.15 -4.33 26.93
CA GLN A 78 0.09 -3.90 25.54
C GLN A 78 1.44 -3.34 25.10
N LEU A 79 2.04 -2.48 25.95
CA LEU A 79 3.30 -1.83 25.59
C LEU A 79 4.44 -2.83 25.59
N ALA A 80 4.42 -3.80 26.52
CA ALA A 80 5.43 -4.85 26.55
C ALA A 80 5.39 -5.60 25.21
N PHE A 81 4.17 -5.95 24.75
CA PHE A 81 4.00 -6.67 23.51
C PHE A 81 4.44 -5.83 22.31
N ASN A 82 4.09 -4.54 22.33
CA ASN A 82 4.41 -3.67 21.20
C ASN A 82 5.91 -3.42 21.13
N LEU A 83 6.57 -3.20 22.28
CA LEU A 83 7.99 -2.93 22.29
C LEU A 83 8.79 -4.17 21.89
N ASP A 84 8.30 -5.35 22.25
N ASP A 84 8.30 -5.35 22.27
CA ASP A 84 8.93 -6.59 21.84
CA ASP A 84 8.91 -6.60 21.81
C ASP A 84 8.94 -6.67 20.30
C ASP A 84 8.96 -6.60 20.29
N PHE A 85 7.83 -6.27 19.67
CA PHE A 85 7.73 -6.31 18.21
C PHE A 85 8.73 -5.32 17.62
N ILE A 86 8.77 -4.09 18.17
CA ILE A 86 9.66 -3.04 17.65
C ILE A 86 11.13 -3.47 17.80
N LYS A 87 11.48 -4.05 18.95
CA LYS A 87 12.83 -4.53 19.17
C LYS A 87 13.20 -5.61 18.16
N SER A 88 12.28 -6.54 17.89
CA SER A 88 12.57 -7.61 16.93
C SER A 88 12.86 -7.02 15.54
N LEU A 89 12.15 -5.94 15.15
CA LEU A 89 12.38 -5.31 13.85
C LEU A 89 13.82 -4.80 13.76
N LYS A 90 14.33 -4.32 14.90
CA LYS A 90 15.65 -3.70 14.89
C LYS A 90 16.77 -4.73 14.76
N GLU A 91 16.45 -6.02 14.82
CA GLU A 91 17.47 -7.06 14.61
C GLU A 91 17.42 -7.65 13.20
N MET A 92 16.56 -7.12 12.32
CA MET A 92 16.29 -7.73 11.03
C MET A 92 17.07 -7.05 9.90
N TYR A 106 7.12 -12.49 -13.61
CA TYR A 106 5.74 -12.28 -14.13
C TYR A 106 5.11 -11.04 -13.47
N GLU A 107 4.74 -10.08 -14.32
CA GLU A 107 3.98 -8.91 -13.91
C GLU A 107 2.70 -8.83 -14.73
N LEU A 108 1.63 -8.37 -14.09
CA LEU A 108 0.35 -8.26 -14.77
C LEU A 108 0.47 -7.24 -15.91
N PRO A 109 -0.11 -7.53 -17.10
CA PRO A 109 -0.16 -6.53 -18.17
C PRO A 109 -0.94 -5.28 -17.77
N SER A 110 -0.55 -4.13 -18.35
CA SER A 110 -1.11 -2.87 -17.91
C SER A 110 -2.59 -2.79 -18.31
N ALA A 111 -2.98 -3.49 -19.38
CA ALA A 111 -4.39 -3.51 -19.78
C ALA A 111 -5.25 -4.16 -18.69
N PHE A 112 -4.68 -5.17 -18.01
CA PHE A 112 -5.40 -5.83 -16.95
C PHE A 112 -5.54 -4.89 -15.75
N LEU A 113 -4.44 -4.26 -15.36
CA LEU A 113 -4.44 -3.33 -14.24
C LEU A 113 -5.46 -2.21 -14.49
N GLU A 114 -5.54 -1.72 -15.74
CA GLU A 114 -6.48 -0.67 -16.09
C GLU A 114 -7.93 -1.15 -15.98
N ALA A 115 -8.17 -2.46 -16.16
CA ALA A 115 -9.53 -3.00 -16.08
C ALA A 115 -9.98 -3.23 -14.64
N ALA A 116 -9.01 -3.31 -13.70
CA ALA A 116 -9.31 -3.61 -12.31
C ALA A 116 -9.21 -2.36 -11.41
N PHE A 117 -8.18 -1.54 -11.61
CA PHE A 117 -7.95 -0.39 -10.75
C PHE A 117 -8.55 0.87 -11.34
N GLY A 118 -8.40 2.00 -10.64
CA GLY A 118 -8.89 3.26 -11.14
C GLY A 118 -7.98 3.82 -12.24
N LYS A 119 -8.32 5.03 -12.69
CA LYS A 119 -7.74 5.64 -13.87
C LYS A 119 -6.22 5.70 -13.79
N THR A 120 -5.64 6.04 -12.63
CA THR A 120 -4.18 6.16 -12.55
C THR A 120 -3.55 4.89 -11.97
N ILE A 121 -4.36 3.83 -11.81
CA ILE A 121 -3.91 2.53 -11.33
C ILE A 121 -3.23 2.69 -9.97
N LYS A 122 -3.84 3.50 -9.11
CA LYS A 122 -3.35 3.67 -7.76
C LYS A 122 -3.55 2.35 -7.01
N GLN A 123 -2.50 1.90 -6.33
CA GLN A 123 -2.51 0.63 -5.62
C GLN A 123 -2.20 0.89 -4.16
N SER A 124 -3.09 1.64 -3.54
CA SER A 124 -2.97 2.10 -2.17
C SER A 124 -4.33 2.66 -1.78
N GLY A 125 -4.57 2.81 -0.48
CA GLY A 125 -5.87 3.31 -0.01
C GLY A 125 -6.19 4.68 -0.60
N CYS A 126 -7.45 4.86 -1.05
CA CYS A 126 -7.94 6.11 -1.63
C CYS A 126 -8.76 6.86 -0.58
N TYR A 127 -9.32 8.01 -0.96
CA TYR A 127 -10.05 8.82 0.01
C TYR A 127 -11.42 9.15 -0.59
N PHE A 128 -12.49 8.69 0.07
CA PHE A 128 -13.84 8.85 -0.43
C PHE A 128 -14.59 9.86 0.43
N LYS A 129 -14.88 11.03 -0.13
CA LYS A 129 -15.70 12.02 0.55
C LYS A 129 -17.14 11.54 0.70
N ASP A 130 -17.75 11.07 -0.40
CA ASP A 130 -19.16 10.71 -0.45
C ASP A 130 -19.32 9.23 -0.75
N GLU A 131 -20.53 8.73 -0.49
CA GLU A 131 -20.86 7.34 -0.77
C GLU A 131 -20.87 7.12 -2.29
N THR A 132 -21.06 8.20 -3.07
CA THR A 132 -21.08 8.08 -4.51
C THR A 132 -19.75 8.49 -5.14
N THR A 133 -18.70 8.77 -4.33
CA THR A 133 -17.39 9.07 -4.87
C THR A 133 -16.92 7.86 -5.67
N THR A 134 -16.48 8.09 -6.91
CA THR A 134 -15.98 7.01 -7.76
C THR A 134 -14.52 6.76 -7.40
N ILE A 135 -13.99 5.60 -7.82
CA ILE A 135 -12.60 5.28 -7.56
C ILE A 135 -11.69 6.33 -8.23
N ASP A 136 -12.04 6.84 -9.42
CA ASP A 136 -11.20 7.85 -10.07
C ASP A 136 -11.15 9.12 -9.21
N GLU A 137 -12.30 9.52 -8.68
CA GLU A 137 -12.35 10.69 -7.81
C GLU A 137 -11.56 10.45 -6.51
N ALA A 138 -11.67 9.25 -5.96
CA ALA A 138 -11.03 8.92 -4.69
C ALA A 138 -9.50 8.91 -4.84
N GLU A 139 -9.00 8.44 -5.99
CA GLU A 139 -7.58 8.50 -6.31
C GLU A 139 -7.11 9.95 -6.27
N GLU A 140 -7.85 10.83 -6.95
CA GLU A 140 -7.44 12.23 -7.04
C GLU A 140 -7.46 12.88 -5.65
N ALA A 141 -8.52 12.62 -4.88
CA ALA A 141 -8.62 13.16 -3.52
C ALA A 141 -7.47 12.69 -2.62
N SER A 142 -7.03 11.43 -2.78
N SER A 142 -7.06 11.43 -2.80
N SER A 142 -7.05 11.42 -2.77
CA SER A 142 -5.92 10.95 -1.97
CA SER A 142 -5.95 10.84 -2.06
CA SER A 142 -5.91 10.92 -2.02
C SER A 142 -4.61 11.60 -2.42
C SER A 142 -4.65 11.56 -2.43
C SER A 142 -4.64 11.66 -2.42
N HIS A 143 -4.43 11.77 -3.74
CA HIS A 143 -3.26 12.48 -4.25
C HIS A 143 -3.19 13.89 -3.65
N GLU A 144 -4.35 14.58 -3.60
N GLU A 144 -4.35 14.58 -3.60
CA GLU A 144 -4.40 15.93 -3.07
CA GLU A 144 -4.41 15.93 -3.07
C GLU A 144 -4.13 15.93 -1.56
C GLU A 144 -4.11 15.92 -1.58
N LEU A 145 -4.66 14.93 -0.84
CA LEU A 145 -4.43 14.79 0.58
C LEU A 145 -2.93 14.68 0.85
N TYR A 146 -2.22 13.82 0.11
CA TYR A 146 -0.78 13.66 0.27
C TYR A 146 -0.06 14.99 0.01
N CYS A 147 -0.46 15.73 -1.04
CA CYS A 147 0.20 16.98 -1.36
C CYS A 147 0.04 18.00 -0.23
N GLU A 148 -1.17 18.07 0.35
N GLU A 148 -1.16 18.03 0.36
CA GLU A 148 -1.39 18.96 1.47
CA GLU A 148 -1.49 18.91 1.47
C GLU A 148 -0.51 18.55 2.65
C GLU A 148 -0.65 18.57 2.70
N ARG A 149 -0.59 17.28 3.06
CA ARG A 149 0.05 16.85 4.30
C ARG A 149 1.59 16.82 4.18
N ALA A 150 2.10 16.56 2.98
CA ALA A 150 3.54 16.60 2.75
C ALA A 150 4.03 18.02 2.42
N GLN A 151 3.11 18.99 2.39
CA GLN A 151 3.47 20.40 2.20
C GLN A 151 4.23 20.59 0.87
N ILE A 152 3.69 19.99 -0.20
CA ILE A 152 4.28 20.11 -1.54
C ILE A 152 4.05 21.55 -2.00
N LYS A 153 5.10 22.16 -2.55
CA LYS A 153 5.01 23.49 -3.14
C LYS A 153 5.73 23.50 -4.49
N ASP A 154 5.25 24.36 -5.38
CA ASP A 154 5.83 24.49 -6.71
C ASP A 154 7.31 24.82 -6.58
N GLY A 155 8.16 24.15 -7.38
CA GLY A 155 9.59 24.44 -7.38
C GLY A 155 10.43 23.41 -6.62
N GLN A 156 9.80 22.52 -5.86
CA GLN A 156 10.55 21.55 -5.05
C GLN A 156 10.99 20.37 -5.89
N THR A 157 12.10 19.73 -5.47
CA THR A 157 12.44 18.41 -5.97
C THR A 157 11.72 17.38 -5.08
N VAL A 158 11.11 16.37 -5.72
CA VAL A 158 10.22 15.44 -5.05
C VAL A 158 10.65 14.04 -5.47
N LEU A 159 10.77 13.13 -4.48
CA LEU A 159 11.08 11.73 -4.76
C LEU A 159 9.95 10.86 -4.20
N ASP A 160 9.43 9.94 -5.02
CA ASP A 160 8.34 9.07 -4.62
C ASP A 160 8.86 7.63 -4.62
N ILE A 161 9.00 7.06 -3.41
CA ILE A 161 9.67 5.78 -3.23
C ILE A 161 8.65 4.66 -3.33
N GLY A 162 8.91 3.73 -4.26
CA GLY A 162 7.94 2.70 -4.58
C GLY A 162 6.71 3.32 -5.25
N CYS A 163 6.93 4.03 -6.37
CA CYS A 163 5.92 4.90 -6.96
C CYS A 163 4.82 4.12 -7.70
N GLY A 164 5.01 2.81 -7.89
CA GLY A 164 3.95 2.00 -8.49
C GLY A 164 3.74 2.41 -9.94
N GLN A 165 2.48 2.62 -10.34
N GLN A 165 2.48 2.62 -10.34
CA GLN A 165 2.19 3.03 -11.71
CA GLN A 165 2.17 3.05 -11.71
C GLN A 165 2.28 4.55 -11.85
C GLN A 165 2.33 4.56 -11.86
N GLY A 166 2.76 5.25 -10.80
CA GLY A 166 3.15 6.65 -10.89
C GLY A 166 2.00 7.65 -10.82
N GLY A 167 0.83 7.25 -10.29
CA GLY A 167 -0.28 8.19 -10.19
C GLY A 167 0.10 9.48 -9.46
N LEU A 168 0.82 9.33 -8.35
CA LEU A 168 1.17 10.47 -7.51
C LEU A 168 2.24 11.32 -8.20
N VAL A 169 3.24 10.66 -8.80
CA VAL A 169 4.29 11.35 -9.55
C VAL A 169 3.67 12.23 -10.63
N LEU A 170 2.73 11.66 -11.41
CA LEU A 170 2.10 12.38 -12.52
C LEU A 170 1.23 13.52 -11.99
N HIS A 171 0.54 13.27 -10.87
CA HIS A 171 -0.32 14.28 -10.26
C HIS A 171 0.51 15.50 -9.87
N ILE A 172 1.61 15.27 -9.15
CA ILE A 172 2.44 16.39 -8.70
C ILE A 172 3.08 17.10 -9.90
N ALA A 173 3.55 16.32 -10.89
CA ALA A 173 4.24 16.93 -12.03
C ALA A 173 3.29 17.83 -12.81
N GLN A 174 2.02 17.42 -12.94
CA GLN A 174 1.03 18.19 -13.66
C GLN A 174 0.60 19.42 -12.86
N LYS A 175 0.41 19.26 -11.55
CA LYS A 175 -0.13 20.36 -10.77
C LYS A 175 0.95 21.41 -10.47
N TYR A 176 2.22 21.00 -10.39
CA TYR A 176 3.29 21.91 -10.04
C TYR A 176 4.39 21.83 -11.12
N LYS A 177 4.30 22.71 -12.12
CA LYS A 177 5.13 22.59 -13.32
C LYS A 177 6.60 22.88 -13.02
N ASN A 178 6.86 23.61 -11.93
CA ASN A 178 8.24 23.94 -11.58
C ASN A 178 8.85 22.90 -10.65
N CYS A 179 8.05 21.94 -10.17
CA CYS A 179 8.65 20.83 -9.43
C CYS A 179 9.35 19.89 -10.40
N HIS A 180 10.49 19.32 -9.98
N HIS A 180 10.41 19.22 -9.92
CA HIS A 180 10.99 18.13 -10.65
CA HIS A 180 11.03 18.13 -10.64
C HIS A 180 10.65 16.93 -9.80
C HIS A 180 10.84 16.83 -9.87
N VAL A 181 10.05 15.93 -10.44
CA VAL A 181 9.47 14.80 -9.72
C VAL A 181 10.14 13.53 -10.21
N THR A 182 10.71 12.77 -9.26
CA THR A 182 11.36 11.49 -9.53
C THR A 182 10.56 10.37 -8.88
N GLY A 183 10.17 9.38 -9.67
CA GLY A 183 9.65 8.16 -9.08
C GLY A 183 10.76 7.11 -8.99
N LEU A 184 10.74 6.28 -7.93
CA LEU A 184 11.67 5.18 -7.83
C LEU A 184 10.88 3.88 -7.70
N THR A 185 11.19 2.92 -8.58
CA THR A 185 10.46 1.66 -8.63
C THR A 185 11.44 0.55 -9.00
N ASN A 186 11.12 -0.67 -8.55
CA ASN A 186 11.98 -1.82 -8.82
C ASN A 186 11.47 -2.57 -10.05
N SER A 187 10.44 -2.01 -10.70
CA SER A 187 9.76 -2.68 -11.81
C SER A 187 10.01 -1.94 -13.12
N LYS A 188 10.57 -2.66 -14.09
CA LYS A 188 10.86 -2.09 -15.39
C LYS A 188 9.57 -1.72 -16.11
N ALA A 189 8.55 -2.57 -15.99
CA ALA A 189 7.25 -2.33 -16.61
C ALA A 189 6.61 -1.05 -16.04
N GLN A 190 6.76 -0.83 -14.72
CA GLN A 190 6.22 0.38 -14.12
C GLN A 190 6.93 1.61 -14.64
N LYS A 191 8.27 1.57 -14.68
CA LYS A 191 9.04 2.69 -15.18
C LYS A 191 8.56 3.07 -16.58
N ASN A 192 8.42 2.05 -17.45
CA ASN A 192 8.07 2.27 -18.85
C ASN A 192 6.66 2.85 -18.95
N TYR A 193 5.75 2.38 -18.08
CA TYR A 193 4.38 2.88 -18.06
C TYR A 193 4.34 4.36 -17.69
N ILE A 194 5.11 4.74 -16.66
CA ILE A 194 5.14 6.12 -16.18
C ILE A 194 5.73 7.05 -17.26
N LEU A 195 6.82 6.62 -17.89
CA LEU A 195 7.46 7.47 -18.90
C LEU A 195 6.54 7.67 -20.10
N MET A 196 5.84 6.60 -20.48
CA MET A 196 4.85 6.73 -21.54
C MET A 196 3.72 7.70 -21.15
N GLN A 197 3.18 7.59 -19.93
CA GLN A 197 2.12 8.50 -19.49
C GLN A 197 2.62 9.94 -19.45
N ALA A 198 3.86 10.15 -18.98
CA ALA A 198 4.40 11.51 -18.94
C ALA A 198 4.46 12.12 -20.34
N GLU A 199 4.88 11.31 -21.32
CA GLU A 199 4.97 11.75 -22.70
C GLU A 199 3.60 12.14 -23.24
N LYS A 200 2.60 11.28 -22.99
CA LYS A 200 1.24 11.54 -23.46
C LYS A 200 0.65 12.80 -22.83
N LEU A 201 1.00 13.08 -21.56
CA LEU A 201 0.44 14.20 -20.82
C LEU A 201 1.28 15.47 -21.00
N GLN A 202 2.37 15.38 -21.78
N GLN A 202 2.35 15.40 -21.83
CA GLN A 202 3.19 16.54 -22.11
CA GLN A 202 3.20 16.54 -22.18
C GLN A 202 3.91 17.05 -20.88
C GLN A 202 3.91 17.04 -20.91
N LEU A 203 4.37 16.10 -20.06
CA LEU A 203 5.05 16.45 -18.82
C LEU A 203 6.55 16.34 -19.08
N SER A 204 7.29 17.41 -18.76
CA SER A 204 8.71 17.41 -19.04
C SER A 204 9.50 17.34 -17.73
N ASN A 205 8.80 17.21 -16.59
CA ASN A 205 9.47 17.37 -15.30
C ASN A 205 9.47 16.05 -14.51
N VAL A 206 9.45 14.92 -15.23
CA VAL A 206 9.34 13.60 -14.61
C VAL A 206 10.57 12.79 -15.00
N ASP A 207 11.18 12.12 -14.00
CA ASP A 207 12.11 11.05 -14.29
C ASP A 207 11.81 9.85 -13.38
N VAL A 208 12.33 8.68 -13.74
CA VAL A 208 12.08 7.46 -12.97
C VAL A 208 13.41 6.76 -12.76
N ILE A 209 13.73 6.45 -11.50
CA ILE A 209 14.86 5.62 -11.15
C ILE A 209 14.39 4.17 -11.06
N LEU A 210 15.01 3.29 -11.84
CA LEU A 210 14.78 1.86 -11.71
C LEU A 210 15.80 1.30 -10.71
N ALA A 211 15.33 0.91 -9.52
CA ALA A 211 16.23 0.44 -8.47
C ALA A 211 15.46 -0.34 -7.41
N ASP A 212 16.16 -1.30 -6.80
CA ASP A 212 15.77 -1.76 -5.48
C ASP A 212 16.19 -0.68 -4.48
N VAL A 213 15.21 -0.05 -3.81
CA VAL A 213 15.48 1.06 -2.92
C VAL A 213 16.50 0.67 -1.83
N THR A 214 16.50 -0.61 -1.42
CA THR A 214 17.38 -1.05 -0.34
C THR A 214 18.84 -1.12 -0.84
N LYS A 215 19.04 -1.07 -2.17
CA LYS A 215 20.35 -1.19 -2.76
C LYS A 215 20.82 0.12 -3.40
N HIS A 216 19.90 1.09 -3.55
CA HIS A 216 20.15 2.29 -4.32
C HIS A 216 21.12 3.20 -3.57
N GLU A 217 22.19 3.61 -4.26
CA GLU A 217 23.20 4.48 -3.67
C GLU A 217 23.25 5.77 -4.49
N SER A 218 23.13 6.89 -3.79
CA SER A 218 23.19 8.19 -4.44
C SER A 218 23.48 9.27 -3.41
N ASP A 219 24.10 10.36 -3.87
CA ASP A 219 24.34 11.50 -3.01
C ASP A 219 23.33 12.61 -3.30
N LYS A 220 22.41 12.35 -4.25
CA LYS A 220 21.36 13.31 -4.58
C LYS A 220 20.46 13.51 -3.36
N THR A 221 20.02 14.76 -3.14
CA THR A 221 19.04 15.04 -2.08
C THR A 221 17.79 15.64 -2.70
N TYR A 222 16.68 15.57 -1.96
CA TYR A 222 15.37 16.03 -2.42
C TYR A 222 14.72 16.88 -1.34
N ASP A 223 13.94 17.88 -1.77
CA ASP A 223 13.15 18.71 -0.88
C ASP A 223 12.05 17.89 -0.21
N ARG A 224 11.53 16.88 -0.92
CA ARG A 224 10.39 16.11 -0.44
C ARG A 224 10.57 14.65 -0.85
N ILE A 225 10.37 13.76 0.13
CA ILE A 225 10.37 12.33 -0.11
C ILE A 225 9.02 11.79 0.35
N LEU A 226 8.36 11.03 -0.52
CA LEU A 226 7.05 10.46 -0.24
C LEU A 226 7.19 8.94 -0.29
N VAL A 227 6.54 8.26 0.67
CA VAL A 227 6.60 6.81 0.71
C VAL A 227 5.17 6.35 0.96
N ILE A 228 4.47 5.94 -0.11
CA ILE A 228 3.05 5.66 0.03
C ILE A 228 2.84 4.14 0.01
N GLU A 229 2.58 3.57 1.19
CA GLU A 229 2.32 2.15 1.35
C GLU A 229 3.43 1.30 0.76
N THR A 230 4.68 1.77 0.87
CA THR A 230 5.85 1.01 0.47
C THR A 230 6.60 0.45 1.69
N ILE A 231 6.55 1.15 2.82
CA ILE A 231 7.36 0.77 3.97
C ILE A 231 6.96 -0.61 4.51
N GLU A 232 5.69 -0.99 4.31
CA GLU A 232 5.18 -2.29 4.71
C GLU A 232 5.98 -3.43 4.07
N HIS A 233 6.72 -3.13 3.00
CA HIS A 233 7.49 -4.16 2.30
C HIS A 233 8.94 -4.13 2.73
N MET A 234 9.30 -3.24 3.67
CA MET A 234 10.71 -3.05 3.96
C MET A 234 11.14 -4.01 5.06
N LYS A 235 12.16 -4.82 4.74
CA LYS A 235 12.66 -5.81 5.69
C LYS A 235 13.41 -5.11 6.83
N ASN A 236 14.15 -4.04 6.50
N ASN A 236 14.13 -4.03 6.51
CA ASN A 236 14.96 -3.35 7.50
CA ASN A 236 14.97 -3.33 7.46
C ASN A 236 14.54 -1.88 7.61
C ASN A 236 14.53 -1.86 7.60
N ILE A 237 13.68 -1.57 8.59
CA ILE A 237 13.05 -0.26 8.72
C ILE A 237 14.00 0.80 9.28
N GLN A 238 14.75 0.47 10.35
CA GLN A 238 15.72 1.40 10.91
C GLN A 238 16.72 1.80 9.82
N LEU A 239 17.15 0.83 9.01
CA LEU A 239 18.09 1.06 7.92
C LEU A 239 17.43 1.85 6.79
N PHE A 240 16.15 1.56 6.52
CA PHE A 240 15.45 2.29 5.48
C PHE A 240 15.39 3.77 5.85
N MET A 241 14.93 4.08 7.08
CA MET A 241 14.79 5.46 7.53
C MET A 241 16.15 6.18 7.53
N LYS A 242 17.21 5.47 7.93
CA LYS A 242 18.55 6.04 7.90
C LYS A 242 18.93 6.44 6.47
N LYS A 243 18.73 5.53 5.52
CA LYS A 243 19.06 5.81 4.14
C LYS A 243 18.28 7.02 3.61
N LEU A 244 16.97 7.09 3.90
CA LEU A 244 16.14 8.21 3.47
C LEU A 244 16.72 9.52 3.98
N SER A 245 17.19 9.52 5.23
CA SER A 245 17.70 10.74 5.84
C SER A 245 18.93 11.25 5.08
N THR A 246 19.70 10.33 4.46
CA THR A 246 20.88 10.74 3.72
C THR A 246 20.50 11.38 2.39
N TRP A 247 19.23 11.25 1.99
CA TRP A 247 18.73 11.85 0.77
C TRP A 247 17.98 13.15 1.08
N MET A 248 18.13 13.63 2.31
CA MET A 248 17.42 14.83 2.75
C MET A 248 18.45 15.87 3.14
N THR A 249 18.04 17.14 3.06
CA THR A 249 18.79 18.23 3.68
C THR A 249 17.98 18.73 4.87
N GLU A 250 18.46 19.80 5.50
CA GLU A 250 17.82 20.34 6.68
C GLU A 250 16.48 20.97 6.33
N ASP A 251 16.24 21.21 5.04
CA ASP A 251 15.02 21.85 4.58
C ASP A 251 14.01 20.81 4.09
N SER A 252 14.40 19.53 4.02
CA SER A 252 13.53 18.51 3.43
C SER A 252 12.45 18.05 4.41
N LEU A 253 11.38 17.46 3.86
CA LEU A 253 10.36 16.78 4.64
C LEU A 253 10.17 15.38 4.03
N LEU A 254 9.84 14.42 4.90
CA LEU A 254 9.57 13.04 4.55
C LEU A 254 8.15 12.75 4.98
N PHE A 255 7.35 12.21 4.04
CA PHE A 255 5.95 11.88 4.32
C PHE A 255 5.79 10.38 4.07
N VAL A 256 5.27 9.67 5.09
CA VAL A 256 5.09 8.22 4.98
C VAL A 256 3.63 7.91 5.25
N ASP A 257 3.03 7.06 4.40
CA ASP A 257 1.67 6.54 4.55
C ASP A 257 1.80 5.02 4.62
N HIS A 258 1.21 4.37 5.63
CA HIS A 258 1.27 2.91 5.68
C HIS A 258 0.00 2.33 6.29
N ILE A 259 -0.40 1.16 5.80
N ILE A 259 -0.37 1.14 5.81
CA ILE A 259 -1.52 0.47 6.42
CA ILE A 259 -1.42 0.33 6.41
C ILE A 259 -1.05 0.10 7.83
C ILE A 259 -1.02 0.08 7.86
N CYS A 260 -1.99 0.15 8.78
CA CYS A 260 -1.65 -0.04 10.17
C CYS A 260 -2.80 -0.75 10.90
N HIS A 261 -2.51 -1.18 12.14
CA HIS A 261 -3.57 -1.40 13.10
C HIS A 261 -3.42 -0.29 14.12
N LYS A 262 -4.53 0.20 14.70
CA LYS A 262 -4.45 1.33 15.60
C LYS A 262 -3.65 1.02 16.88
N THR A 263 -3.63 -0.25 17.32
CA THR A 263 -3.12 -0.60 18.65
C THR A 263 -1.82 -1.41 18.60
N PHE A 264 -1.73 -2.37 17.68
CA PHE A 264 -0.59 -3.28 17.73
C PHE A 264 -0.02 -3.49 16.34
N SER A 265 1.18 -4.08 16.27
CA SER A 265 1.83 -4.44 15.02
C SER A 265 1.71 -5.96 14.79
N HIS A 266 1.77 -6.39 13.52
CA HIS A 266 1.91 -7.80 13.24
C HIS A 266 2.44 -8.02 11.82
N HIS A 267 3.14 -9.14 11.65
CA HIS A 267 3.48 -9.57 10.31
C HIS A 267 2.22 -10.12 9.65
N PHE A 268 2.14 -9.98 8.33
CA PHE A 268 0.99 -10.48 7.60
C PHE A 268 1.24 -11.96 7.27
N GLU A 269 0.81 -12.84 8.17
CA GLU A 269 1.12 -14.27 8.10
C GLU A 269 0.11 -15.00 8.98
N ALA A 270 0.01 -16.33 8.80
CA ALA A 270 -0.99 -17.11 9.53
C ALA A 270 -0.62 -17.17 11.00
N ILE A 271 -1.59 -16.95 11.89
CA ILE A 271 -1.41 -17.25 13.30
C ILE A 271 -1.37 -18.77 13.48
N ASP A 272 -2.32 -19.46 12.83
CA ASP A 272 -2.48 -20.89 13.04
C ASP A 272 -2.79 -21.59 11.72
N GLU A 273 -3.05 -22.90 11.82
CA GLU A 273 -3.29 -23.78 10.67
C GLU A 273 -4.70 -23.57 10.12
N ASP A 274 -5.57 -22.90 10.88
CA ASP A 274 -6.90 -22.56 10.37
C ASP A 274 -6.85 -21.38 9.40
N ASP A 275 -5.70 -20.68 9.33
CA ASP A 275 -5.59 -19.49 8.48
C ASP A 275 -5.05 -19.84 7.10
N TRP A 276 -5.98 -20.06 6.16
CA TRP A 276 -5.63 -20.34 4.77
C TRP A 276 -5.37 -19.05 4.00
N TYR A 277 -5.78 -17.90 4.57
CA TYR A 277 -5.89 -16.66 3.80
C TYR A 277 -4.53 -15.96 3.69
N SER A 278 -3.87 -15.72 4.83
CA SER A 278 -2.71 -14.85 4.88
C SER A 278 -1.63 -15.29 3.89
N GLY A 279 -1.31 -16.60 3.91
CA GLY A 279 -0.26 -17.16 3.08
C GLY A 279 -0.71 -17.31 1.64
N PHE A 280 -2.04 -17.36 1.40
CA PHE A 280 -2.54 -17.33 0.03
C PHE A 280 -2.27 -15.96 -0.58
N ILE A 281 -2.56 -14.89 0.17
CA ILE A 281 -2.46 -13.54 -0.36
C ILE A 281 -0.99 -13.15 -0.51
N PHE A 282 -0.19 -13.42 0.53
CA PHE A 282 1.22 -13.10 0.51
C PHE A 282 1.98 -14.38 0.81
N PRO A 283 2.26 -15.23 -0.23
CA PRO A 283 2.98 -16.49 -0.04
C PRO A 283 4.39 -16.36 0.51
N LYS A 284 4.86 -15.12 0.67
CA LYS A 284 6.15 -14.87 1.32
C LYS A 284 5.89 -14.13 2.63
N GLY A 285 6.85 -14.19 3.56
CA GLY A 285 6.84 -13.35 4.74
C GLY A 285 7.40 -11.96 4.43
N CYS A 286 6.62 -11.15 3.71
CA CYS A 286 7.16 -9.96 3.06
C CYS A 286 6.41 -8.67 3.43
N VAL A 287 5.29 -8.79 4.18
CA VAL A 287 4.46 -7.65 4.52
C VAL A 287 4.34 -7.52 6.04
N THR A 288 4.64 -6.33 6.57
CA THR A 288 4.49 -6.01 8.00
C THR A 288 3.42 -4.93 8.14
N ILE A 289 2.50 -5.16 9.07
CA ILE A 289 1.51 -4.15 9.44
C ILE A 289 1.93 -3.51 10.76
N LEU A 290 2.53 -2.32 10.67
CA LEU A 290 2.94 -1.60 11.87
C LEU A 290 1.71 -1.04 12.57
N SER A 291 1.80 -0.87 13.91
CA SER A 291 0.76 -0.14 14.61
C SER A 291 0.78 1.31 14.14
N ALA A 292 -0.28 2.08 14.44
CA ALA A 292 -0.37 3.48 14.01
C ALA A 292 0.75 4.33 14.63
N SER A 293 1.40 3.85 15.69
N SER A 293 1.39 3.84 15.69
CA SER A 293 2.44 4.63 16.34
CA SER A 293 2.42 4.62 16.37
C SER A 293 3.83 4.02 16.23
C SER A 293 3.80 3.95 16.34
N ALA A 294 3.94 2.85 15.57
CA ALA A 294 5.21 2.12 15.53
C ALA A 294 6.36 2.99 15.04
N LEU A 295 6.12 3.85 14.03
CA LEU A 295 7.24 4.59 13.44
C LEU A 295 7.76 5.65 14.38
N LEU A 296 7.01 5.98 15.44
CA LEU A 296 7.50 6.94 16.41
C LEU A 296 8.77 6.42 17.08
N TYR A 297 8.97 5.11 17.04
CA TYR A 297 10.12 4.49 17.70
C TYR A 297 11.27 4.36 16.69
N PHE A 298 11.15 4.98 15.51
CA PHE A 298 12.21 4.90 14.51
C PHE A 298 12.70 6.29 14.16
N GLN A 299 13.00 7.08 15.20
CA GLN A 299 13.42 8.46 15.02
C GLN A 299 14.91 8.60 15.35
N ASP A 300 15.73 7.59 15.01
CA ASP A 300 17.18 7.75 15.13
C ASP A 300 17.69 8.88 14.23
N ASP A 301 17.11 9.00 13.02
CA ASP A 301 17.72 9.77 11.94
C ASP A 301 16.78 10.85 11.39
N VAL A 302 15.50 10.76 11.75
CA VAL A 302 14.48 11.73 11.37
C VAL A 302 13.65 12.05 12.61
N THR A 303 12.91 13.18 12.59
CA THR A 303 12.17 13.64 13.75
C THR A 303 10.74 13.94 13.31
N ILE A 304 9.75 13.46 14.08
CA ILE A 304 8.35 13.58 13.69
C ILE A 304 7.90 15.05 13.84
N LEU A 305 7.05 15.51 12.90
CA LEU A 305 6.46 16.84 12.96
C LEU A 305 4.93 16.71 13.04
N ASP A 306 4.35 15.69 12.40
CA ASP A 306 2.90 15.56 12.47
C ASP A 306 2.55 14.09 12.25
N HIS A 307 1.31 13.71 12.64
CA HIS A 307 0.91 12.31 12.66
C HIS A 307 -0.61 12.26 12.52
N TRP A 308 -1.12 11.45 11.59
CA TRP A 308 -2.55 11.32 11.38
C TRP A 308 -2.89 9.84 11.15
N VAL A 309 -4.18 9.50 11.24
CA VAL A 309 -4.63 8.26 10.65
C VAL A 309 -5.86 8.59 9.83
N VAL A 310 -6.11 7.76 8.81
CA VAL A 310 -7.31 7.83 7.99
C VAL A 310 -8.09 6.56 8.31
N ASN A 311 -9.37 6.71 8.71
CA ASN A 311 -10.23 5.59 9.10
C ASN A 311 -10.23 4.52 8.00
N GLY A 312 -10.38 3.25 8.39
CA GLY A 312 -10.19 2.12 7.47
C GLY A 312 -11.31 1.98 6.42
N MET A 313 -12.45 2.63 6.63
CA MET A 313 -13.52 2.55 5.63
C MET A 313 -13.08 3.11 4.28
N HIS A 314 -12.15 4.09 4.27
CA HIS A 314 -11.58 4.58 3.01
C HIS A 314 -10.88 3.46 2.24
N MET A 315 -10.03 2.69 2.94
CA MET A 315 -9.36 1.53 2.33
C MET A 315 -10.40 0.51 1.88
N ALA A 316 -11.40 0.25 2.74
CA ALA A 316 -12.44 -0.73 2.44
C ALA A 316 -13.18 -0.34 1.17
N ARG A 317 -13.51 0.94 1.02
CA ARG A 317 -14.19 1.42 -0.18
C ARG A 317 -13.28 1.29 -1.39
N SER A 318 -11.96 1.39 -1.16
CA SER A 318 -11.00 1.30 -2.24
C SER A 318 -11.03 -0.12 -2.83
N VAL A 319 -10.85 -1.12 -1.95
CA VAL A 319 -10.76 -2.51 -2.40
C VAL A 319 -12.12 -2.97 -2.95
N ASP A 320 -13.21 -2.43 -2.40
CA ASP A 320 -14.56 -2.73 -2.87
C ASP A 320 -14.73 -2.26 -4.32
N ALA A 321 -14.29 -1.03 -4.61
CA ALA A 321 -14.32 -0.48 -5.96
C ALA A 321 -13.50 -1.34 -6.93
N TRP A 322 -12.29 -1.78 -6.51
CA TRP A 322 -11.45 -2.62 -7.36
C TRP A 322 -12.13 -3.95 -7.64
N ARG A 323 -12.74 -4.54 -6.60
CA ARG A 323 -13.40 -5.83 -6.72
C ARG A 323 -14.57 -5.72 -7.69
N LYS A 324 -15.41 -4.69 -7.51
CA LYS A 324 -16.58 -4.47 -8.35
C LYS A 324 -16.18 -4.22 -9.81
N LYS A 325 -15.10 -3.47 -10.04
CA LYS A 325 -14.67 -3.12 -11.38
C LYS A 325 -14.11 -4.36 -12.07
N LEU A 326 -13.34 -5.16 -11.33
CA LEU A 326 -12.82 -6.43 -11.86
C LEU A 326 -13.98 -7.36 -12.23
N ASP A 327 -14.98 -7.45 -11.35
CA ASP A 327 -16.16 -8.27 -11.60
C ASP A 327 -16.89 -7.79 -12.85
N LYS A 328 -17.02 -6.47 -13.02
CA LYS A 328 -17.69 -5.90 -14.18
C LYS A 328 -16.93 -6.27 -15.46
N ASN A 329 -15.58 -6.26 -15.37
CA ASN A 329 -14.72 -6.42 -16.52
C ASN A 329 -14.14 -7.84 -16.58
N MET A 330 -14.85 -8.80 -15.97
CA MET A 330 -14.28 -10.13 -15.76
C MET A 330 -13.94 -10.80 -17.09
N GLU A 331 -14.87 -10.74 -18.05
CA GLU A 331 -14.67 -11.41 -19.33
C GLU A 331 -13.45 -10.82 -20.04
N LEU A 332 -13.36 -9.48 -20.08
CA LEU A 332 -12.25 -8.78 -20.70
C LEU A 332 -10.93 -9.14 -20.01
N ALA A 333 -10.95 -9.22 -18.68
CA ALA A 333 -9.74 -9.48 -17.89
C ALA A 333 -9.16 -10.83 -18.25
N ARG A 334 -10.04 -11.84 -18.36
CA ARG A 334 -9.65 -13.21 -18.67
C ARG A 334 -9.02 -13.29 -20.05
N GLU A 335 -9.55 -12.49 -20.99
CA GLU A 335 -9.02 -12.43 -22.36
C GLU A 335 -7.62 -11.80 -22.36
N ILE A 336 -7.42 -10.71 -21.60
CA ILE A 336 -6.15 -10.01 -21.55
C ILE A 336 -5.06 -10.90 -20.98
N LEU A 337 -5.42 -11.71 -19.96
CA LEU A 337 -4.44 -12.47 -19.20
C LEU A 337 -4.02 -13.75 -19.92
N LEU A 338 -4.93 -14.31 -20.73
CA LEU A 338 -4.74 -15.63 -21.32
C LEU A 338 -3.40 -15.74 -22.06
N PRO A 339 -3.05 -14.83 -23.02
CA PRO A 339 -1.76 -14.90 -23.71
C PRO A 339 -0.56 -15.13 -22.80
N GLY A 340 -0.47 -14.35 -21.72
CA GLY A 340 0.75 -14.28 -20.95
C GLY A 340 0.82 -15.37 -19.87
N LEU A 341 -0.32 -16.02 -19.61
CA LEU A 341 -0.44 -16.99 -18.53
C LEU A 341 -0.50 -18.42 -19.07
N GLY A 342 -1.07 -18.62 -20.27
CA GLY A 342 -0.90 -19.87 -20.98
C GLY A 342 -2.13 -20.78 -20.93
N SER A 343 -2.92 -20.71 -19.85
CA SER A 343 -4.13 -21.50 -19.73
C SER A 343 -5.21 -20.73 -18.96
N LYS A 344 -6.47 -21.05 -19.27
CA LYS A 344 -7.62 -20.50 -18.59
C LYS A 344 -7.56 -20.79 -17.09
N GLU A 345 -6.89 -21.89 -16.73
CA GLU A 345 -6.78 -22.36 -15.36
C GLU A 345 -5.82 -21.45 -14.59
N ALA A 346 -4.71 -21.09 -15.24
CA ALA A 346 -3.74 -20.20 -14.63
C ALA A 346 -4.33 -18.80 -14.53
N VAL A 347 -5.17 -18.43 -15.51
CA VAL A 347 -5.88 -17.16 -15.53
C VAL A 347 -6.81 -17.09 -14.32
N ASN A 348 -7.65 -18.12 -14.13
CA ASN A 348 -8.60 -18.20 -13.05
C ASN A 348 -7.90 -18.05 -11.70
N GLY A 349 -6.68 -18.60 -11.61
CA GLY A 349 -5.88 -18.60 -10.40
C GLY A 349 -5.43 -17.17 -10.03
N VAL A 350 -4.95 -16.44 -11.02
CA VAL A 350 -4.51 -15.07 -10.82
C VAL A 350 -5.73 -14.20 -10.45
N ILE A 351 -6.88 -14.47 -11.09
CA ILE A 351 -8.07 -13.68 -10.82
C ILE A 351 -8.62 -13.97 -9.42
N THR A 352 -8.60 -15.26 -9.03
CA THR A 352 -9.08 -15.67 -7.72
C THR A 352 -8.24 -14.97 -6.64
N HIS A 353 -6.92 -14.93 -6.86
CA HIS A 353 -5.99 -14.37 -5.89
C HIS A 353 -6.31 -12.89 -5.67
N ILE A 354 -6.52 -12.14 -6.77
CA ILE A 354 -6.71 -10.70 -6.71
C ILE A 354 -8.08 -10.39 -6.10
N ARG A 355 -9.09 -11.16 -6.53
CA ARG A 355 -10.44 -10.92 -6.07
C ARG A 355 -10.56 -11.22 -4.57
N THR A 356 -9.88 -12.29 -4.12
CA THR A 356 -9.91 -12.70 -2.72
C THR A 356 -9.20 -11.65 -1.87
N PHE A 357 -8.10 -11.12 -2.42
CA PHE A 357 -7.35 -10.04 -1.76
C PHE A 357 -8.28 -8.87 -1.46
N CYS A 358 -9.11 -8.51 -2.45
CA CYS A 358 -10.10 -7.45 -2.29
C CYS A 358 -11.18 -7.83 -1.28
N MET A 359 -11.70 -9.06 -1.37
CA MET A 359 -12.75 -9.50 -0.46
C MET A 359 -12.22 -9.53 0.98
N GLY A 360 -10.98 -9.99 1.15
CA GLY A 360 -10.37 -10.06 2.46
C GLY A 360 -10.03 -8.67 3.00
N GLY A 361 -9.47 -7.82 2.13
CA GLY A 361 -9.16 -6.44 2.48
C GLY A 361 -10.40 -5.72 2.98
N TYR A 362 -11.55 -6.01 2.35
CA TYR A 362 -12.81 -5.41 2.74
C TYR A 362 -13.10 -5.72 4.21
N GLU A 363 -13.02 -7.01 4.56
CA GLU A 363 -13.35 -7.45 5.90
C GLU A 363 -12.35 -6.87 6.92
N GLN A 364 -11.07 -6.79 6.53
CA GLN A 364 -10.03 -6.30 7.42
C GLN A 364 -10.24 -4.82 7.74
N PHE A 365 -10.37 -3.99 6.70
CA PHE A 365 -10.38 -2.54 6.87
C PHE A 365 -11.74 -2.04 7.33
N SER A 366 -12.82 -2.77 7.00
CA SER A 366 -14.14 -2.32 7.44
C SER A 366 -14.46 -2.76 8.88
N TYR A 367 -13.60 -3.60 9.48
CA TYR A 367 -13.88 -4.20 10.78
C TYR A 367 -14.14 -3.09 11.80
N ASN A 368 -15.25 -3.20 12.57
CA ASN A 368 -15.62 -2.19 13.55
C ASN A 368 -15.66 -0.80 12.91
N ASN A 369 -16.27 -0.72 11.72
CA ASN A 369 -16.51 0.55 11.05
C ASN A 369 -15.21 1.32 10.82
N GLY A 370 -14.14 0.58 10.48
CA GLY A 370 -12.90 1.23 10.07
C GLY A 370 -11.97 1.55 11.25
N GLU A 371 -12.32 1.05 12.44
CA GLU A 371 -11.61 1.45 13.66
C GLU A 371 -10.67 0.35 14.15
N GLU A 372 -10.24 -0.56 13.27
CA GLU A 372 -9.24 -1.55 13.66
C GLU A 372 -8.00 -1.35 12.78
N TRP A 373 -8.08 -1.86 11.55
CA TRP A 373 -7.04 -1.62 10.56
C TRP A 373 -7.38 -0.36 9.77
N MET A 374 -6.36 0.46 9.50
CA MET A 374 -6.60 1.74 8.85
C MET A 374 -5.29 2.19 8.21
N VAL A 375 -5.16 3.48 7.91
CA VAL A 375 -3.93 3.99 7.31
C VAL A 375 -3.33 5.05 8.24
N ALA A 376 -2.02 4.95 8.47
CA ALA A 376 -1.30 5.91 9.29
C ALA A 376 -0.46 6.78 8.37
N GLN A 377 -0.33 8.06 8.73
CA GLN A 377 0.50 8.98 7.97
C GLN A 377 1.37 9.76 8.95
N MET A 378 2.62 9.99 8.56
CA MET A 378 3.52 10.72 9.41
C MET A 378 4.37 11.67 8.56
N LEU A 379 4.71 12.83 9.12
CA LEU A 379 5.55 13.83 8.50
C LEU A 379 6.81 13.97 9.37
N PHE A 380 8.00 13.91 8.73
CA PHE A 380 9.25 14.04 9.47
C PHE A 380 10.17 15.07 8.80
N LYS A 381 11.09 15.62 9.60
CA LYS A 381 12.26 16.30 9.06
C LYS A 381 13.49 15.48 9.44
N LYS A 382 14.63 15.83 8.85
CA LYS A 382 15.90 15.18 9.17
C LYS A 382 16.34 15.62 10.56
N LYS A 383 16.98 14.71 11.30
CA LYS A 383 17.52 15.05 12.62
C LYS A 383 18.12 16.46 12.59
N SAM B . 2.95 4.06 -3.97
CA SAM B . 2.24 3.35 -5.07
C SAM B . 0.73 3.62 -4.98
O SAM B . 0.36 4.26 -3.98
OXT SAM B . -0.02 3.20 -5.92
CB SAM B . 2.47 1.83 -4.99
CG SAM B . 2.19 1.26 -3.62
SD SAM B . 2.41 -0.54 -3.66
CE SAM B . 1.48 -1.00 -2.22
C5' SAM B . 4.12 -0.64 -3.03
C4' SAM B . 5.14 -0.52 -4.16
O4' SAM B . 6.49 -0.61 -3.65
C3' SAM B . 5.03 -1.56 -5.28
O3' SAM B . 4.99 -0.85 -6.50
C2' SAM B . 6.35 -2.34 -5.20
O2' SAM B . 6.81 -2.75 -6.47
C1' SAM B . 7.28 -1.29 -4.61
N9 SAM B . 8.46 -1.84 -3.96
C8 SAM B . 8.48 -2.86 -3.06
N7 SAM B . 9.68 -3.15 -2.61
C5 SAM B . 10.52 -2.25 -3.29
C6 SAM B . 11.92 -2.06 -3.26
N6 SAM B . 12.75 -2.76 -2.49
N1 SAM B . 12.43 -1.08 -4.05
C2 SAM B . 11.58 -0.35 -4.80
N3 SAM B . 10.25 -0.45 -4.90
C4 SAM B . 9.77 -1.43 -4.12
C1 A1A4H C . -1.17 -3.59 -3.58
C1 A1A4H C . -2.63 -3.57 0.66
C1 A1A4H C . -1.55 -2.87 -1.64
C2 A1A4H C . -0.97 -2.99 -2.34
C2 A1A4H C . -1.51 -4.25 1.14
C2 A1A4H C . -2.47 -2.37 -2.54
C3 A1A4H C . -2.00 -2.41 -1.64
C3 A1A4H C . -1.66 -5.24 2.10
C3 A1A4H C . -2.80 -3.07 -3.68
O4 A1A4H C . -1.78 -1.81 -0.44
O4 A1A4H C . -0.58 -5.90 2.58
O4 A1A4H C . -3.71 -2.57 -4.56
C5 A1A4H C . -3.28 -2.44 -2.19
C5 A1A4H C . -2.94 -5.53 2.59
C5 A1A4H C . -2.21 -4.30 -3.93
C11 A1A4H C . -1.56 -5.24 -5.79
C11 A1A4H C . -4.93 -2.88 -0.79
C11 A1A4H C . 0.63 -3.59 -0.01
C10 A1A4H C . -2.70 -4.28 -5.44
C10 A1A4H C . -5.12 -3.17 0.70
C10 A1A4H C . 0.05 -4.68 -0.92
C9 A1A4H C . -2.44 -3.62 -4.11
C9 A1A4H C . -3.88 -3.87 1.17
C9 A1A4H C . -0.96 -4.09 -1.88
C8 A1A4H C . -3.49 -3.04 -3.42
C8 A1A4H C . -4.04 -4.85 2.13
C8 A1A4H C . -1.29 -4.80 -3.02
C14 A1A4H C . 0.01 -4.22 -4.27
C14 A1A4H C . -2.45 -2.50 -0.38
C14 A1A4H C . -1.23 -2.05 -0.42
N12 A1A4H C . -0.27 -4.53 -5.68
N12 A1A4H C . -3.67 -2.16 -1.12
N12 A1A4H C . -0.47 -2.79 0.59
C16 A1A4H C . 0.32 -5.49 -3.50
C16 A1A4H C . -1.29 -2.83 -1.38
C16 A1A4H C . -2.52 -1.53 0.22
C17 A1A4H C . 0.22 -5.07 -2.06
C17 A1A4H C . -1.55 -3.90 -2.41
C17 A1A4H C . -3.28 -2.69 0.79
C18 A1A4H C . -0.88 -5.40 -1.27
C18 A1A4H C . -2.40 -3.70 -3.49
C18 A1A4H C . -4.53 -2.98 0.30
C19 A1A4H C . -0.94 -4.97 0.05
C19 A1A4H C . -2.59 -4.70 -4.43
C19 A1A4H C . -5.23 -4.06 0.83
C21 A1A4H C . 0.11 -4.21 0.57
C21 A1A4H C . -1.93 -5.93 -4.31
C21 A1A4H C . -4.68 -4.83 1.84
C24 A1A4H C . 1.18 -3.87 -0.22
C24 A1A4H C . -1.06 -6.13 -3.24
C24 A1A4H C . -3.42 -4.52 2.32
C25 A1A4H C . 1.23 -4.30 -1.53
C25 A1A4H C . -0.87 -5.12 -2.29
C25 A1A4H C . -2.72 -3.46 1.80
C13 A1A4H C . 0.83 -5.30 -6.26
C13 A1A4H C . -3.89 -0.71 -1.08
C13 A1A4H C . 0.08 -1.85 1.57
O6 A1A4H C . -4.29 -1.87 -1.48
O6 A1A4H C . -3.10 -6.47 3.55
O6 A1A4H C . -2.54 -5.00 -5.05
C7 A1A4H C . -4.42 -2.36 -0.15
C7 A1A4H C . -3.47 -5.90 4.79
C7 A1A4H C . -1.48 -5.42 -5.90
O20 A1A4H C . -2.00 -5.30 0.83
O20 A1A4H C . -3.44 -4.49 -5.47
O20 A1A4H C . -6.46 -4.38 0.36
O22 A1A4H C . 0.11 -3.75 1.84
O22 A1A4H C . -2.11 -6.93 -5.23
O22 A1A4H C . -5.39 -5.87 2.31
C23 A1A4H C . 0.48 -2.37 1.92
C23 A1A4H C . -1.35 -6.92 -6.45
C23 A1A4H C . -6.10 -6.61 1.33
#